data_2LWT
#
_entry.id   2LWT
#
_entity_poly.entity_id   1
_entity_poly.type   'polypeptide(L)'
_entity_poly.pdbx_seq_one_letter_code
;GRYRRCIPGMFRAYCYMD
;
_entity_poly.pdbx_strand_id   A
#
# COMPACT_ATOMS: atom_id res chain seq x y z
N GLY A 1 -4.72 -5.68 -7.80
CA GLY A 1 -4.67 -6.75 -8.77
C GLY A 1 -3.26 -7.28 -8.98
N ARG A 2 -2.76 -7.11 -10.20
CA ARG A 2 -1.42 -7.59 -10.53
C ARG A 2 -0.40 -6.47 -10.40
N TYR A 3 -0.42 -5.77 -9.27
CA TYR A 3 0.49 -4.66 -9.03
C TYR A 3 0.56 -4.34 -7.53
N ARG A 4 1.74 -3.88 -7.09
CA ARG A 4 1.93 -3.53 -5.69
C ARG A 4 1.88 -2.02 -5.49
N ARG A 5 1.00 -1.57 -4.61
CA ARG A 5 0.86 -0.14 -4.34
C ARG A 5 1.20 0.16 -2.88
N CYS A 6 1.56 1.42 -2.62
CA CYS A 6 1.92 1.85 -1.27
C CYS A 6 1.36 3.24 -0.97
N ILE A 7 0.48 3.31 0.02
CA ILE A 7 -0.13 4.58 0.41
C ILE A 7 0.35 5.02 1.78
N PRO A 8 0.32 6.34 2.03
CA PRO A 8 0.75 6.93 3.31
C PRO A 8 -0.21 6.60 4.44
N GLY A 9 0.32 6.03 5.52
CA GLY A 9 -0.50 5.67 6.66
C GLY A 9 -0.32 6.62 7.83
N MET A 10 -0.90 6.28 8.97
CA MET A 10 -0.79 7.11 10.17
C MET A 10 0.25 6.54 11.13
N PHE A 11 0.49 5.25 11.04
CA PHE A 11 1.46 4.58 11.91
C PHE A 11 2.60 4.00 11.08
N ARG A 12 2.27 3.42 9.94
CA ARG A 12 3.26 2.81 9.06
C ARG A 12 2.77 2.78 7.62
N ALA A 13 3.68 2.48 6.69
CA ALA A 13 3.32 2.41 5.28
C ALA A 13 2.30 1.31 5.02
N TYR A 14 1.22 1.66 4.34
CA TYR A 14 0.16 0.71 4.04
C TYR A 14 0.17 0.34 2.56
N CYS A 15 0.76 -0.81 2.23
CA CYS A 15 0.83 -1.28 0.86
C CYS A 15 -0.20 -2.38 0.60
N TYR A 16 -0.55 -2.55 -0.67
CA TYR A 16 -1.52 -3.57 -1.06
C TYR A 16 -1.29 -4.03 -2.49
N MET A 17 -2.06 -5.03 -2.91
CA MET A 17 -1.93 -5.57 -4.26
C MET A 17 -3.13 -5.16 -5.12
N ASP A 18 -2.96 -4.07 -5.86
CA ASP A 18 -4.03 -3.57 -6.73
C ASP A 18 -4.17 -4.45 -7.97
N GLY A 1 -4.72 -5.68 -7.80
CA GLY A 1 -4.68 -6.75 -8.77
C GLY A 1 -3.27 -7.28 -8.98
N ARG A 2 -2.76 -7.11 -10.20
CA ARG A 2 -1.42 -7.59 -10.53
C ARG A 2 -0.40 -6.46 -10.40
N TYR A 3 -0.43 -5.76 -9.27
CA TYR A 3 0.49 -4.66 -9.03
C TYR A 3 0.56 -4.33 -7.54
N ARG A 4 1.73 -3.88 -7.10
CA ARG A 4 1.93 -3.52 -5.70
C ARG A 4 1.88 -2.01 -5.50
N ARG A 5 1.00 -1.56 -4.61
CA ARG A 5 0.85 -0.14 -4.33
C ARG A 5 1.20 0.17 -2.88
N CYS A 6 1.56 1.42 -2.62
CA CYS A 6 1.92 1.84 -1.28
C CYS A 6 1.36 3.24 -0.97
N ILE A 7 0.49 3.32 0.02
CA ILE A 7 -0.12 4.58 0.41
C ILE A 7 0.36 5.02 1.79
N PRO A 8 0.33 6.34 2.03
CA PRO A 8 0.75 6.92 3.30
C PRO A 8 -0.21 6.59 4.45
N GLY A 9 0.32 6.03 5.52
CA GLY A 9 -0.50 5.67 6.66
C GLY A 9 -0.32 6.62 7.83
N MET A 10 -0.90 6.28 8.97
CA MET A 10 -0.80 7.10 10.16
C MET A 10 0.24 6.54 11.12
N PHE A 11 0.49 5.25 11.04
CA PHE A 11 1.46 4.60 11.91
C PHE A 11 2.60 4.00 11.09
N ARG A 12 2.27 3.42 9.94
CA ARG A 12 3.27 2.82 9.07
C ARG A 12 2.76 2.77 7.62
N ALA A 13 3.68 2.48 6.70
CA ALA A 13 3.33 2.40 5.29
C ALA A 13 2.30 1.31 5.04
N TYR A 14 1.23 1.66 4.35
CA TYR A 14 0.17 0.71 4.04
C TYR A 14 0.18 0.34 2.55
N CYS A 15 0.76 -0.81 2.23
CA CYS A 15 0.84 -1.27 0.85
C CYS A 15 -0.19 -2.37 0.59
N TYR A 16 -0.55 -2.55 -0.67
CA TYR A 16 -1.52 -3.57 -1.05
C TYR A 16 -1.29 -4.03 -2.49
N MET A 17 -2.05 -5.04 -2.91
CA MET A 17 -1.93 -5.57 -4.26
C MET A 17 -3.13 -5.16 -5.12
N ASP A 18 -2.96 -4.07 -5.87
CA ASP A 18 -4.02 -3.58 -6.73
C ASP A 18 -4.17 -4.45 -7.97
N GLY A 1 -4.71 -5.67 -7.79
CA GLY A 1 -4.67 -6.75 -8.77
C GLY A 1 -3.27 -7.28 -8.98
N ARG A 2 -2.75 -7.12 -10.19
CA ARG A 2 -1.41 -7.60 -10.53
C ARG A 2 -0.39 -6.47 -10.38
N TYR A 3 -0.42 -5.77 -9.27
CA TYR A 3 0.50 -4.67 -9.02
C TYR A 3 0.56 -4.34 -7.53
N ARG A 4 1.73 -3.88 -7.09
CA ARG A 4 1.93 -3.53 -5.68
C ARG A 4 1.88 -2.02 -5.49
N ARG A 5 1.00 -1.57 -4.61
CA ARG A 5 0.86 -0.14 -4.32
C ARG A 5 1.20 0.17 -2.87
N CYS A 6 1.57 1.42 -2.61
CA CYS A 6 1.92 1.85 -1.26
C CYS A 6 1.36 3.24 -0.97
N ILE A 7 0.49 3.32 0.02
CA ILE A 7 -0.12 4.59 0.40
C ILE A 7 0.35 5.02 1.78
N PRO A 8 0.33 6.34 2.03
CA PRO A 8 0.75 6.93 3.31
C PRO A 8 -0.22 6.60 4.44
N GLY A 9 0.31 6.03 5.52
CA GLY A 9 -0.52 5.68 6.66
C GLY A 9 -0.33 6.63 7.83
N MET A 10 -0.89 6.27 8.97
CA MET A 10 -0.78 7.09 10.17
C MET A 10 0.26 6.52 11.13
N PHE A 11 0.49 5.22 11.04
CA PHE A 11 1.46 4.56 11.90
C PHE A 11 2.61 3.97 11.07
N ARG A 12 2.27 3.40 9.92
CA ARG A 12 3.27 2.81 9.03
C ARG A 12 2.76 2.77 7.60
N ALA A 13 3.68 2.49 6.67
CA ALA A 13 3.32 2.41 5.26
C ALA A 13 2.30 1.32 5.00
N TYR A 14 1.20 1.68 4.34
CA TYR A 14 0.15 0.71 4.03
C TYR A 14 0.16 0.35 2.56
N CYS A 15 0.75 -0.80 2.24
CA CYS A 15 0.82 -1.27 0.87
C CYS A 15 -0.20 -2.36 0.60
N TYR A 16 -0.56 -2.55 -0.66
CA TYR A 16 -1.53 -3.56 -1.05
C TYR A 16 -1.29 -4.03 -2.48
N MET A 17 -2.05 -5.03 -2.91
CA MET A 17 -1.93 -5.57 -4.26
C MET A 17 -3.13 -5.16 -5.12
N ASP A 18 -2.96 -4.07 -5.86
CA ASP A 18 -4.02 -3.57 -6.74
C ASP A 18 -4.16 -4.45 -7.97
N GLY A 1 -4.71 -5.67 -7.79
CA GLY A 1 -4.67 -6.74 -8.76
C GLY A 1 -3.27 -7.28 -8.98
N ARG A 2 -2.76 -7.12 -10.19
CA ARG A 2 -1.42 -7.60 -10.52
C ARG A 2 -0.40 -6.47 -10.40
N TYR A 3 -0.43 -5.77 -9.26
CA TYR A 3 0.50 -4.67 -9.02
C TYR A 3 0.56 -4.34 -7.53
N ARG A 4 1.73 -3.88 -7.09
CA ARG A 4 1.93 -3.53 -5.69
C ARG A 4 1.88 -2.02 -5.49
N ARG A 5 1.01 -1.56 -4.61
CA ARG A 5 0.86 -0.14 -4.34
C ARG A 5 1.21 0.17 -2.88
N CYS A 6 1.57 1.42 -2.61
CA CYS A 6 1.93 1.85 -1.27
C CYS A 6 1.37 3.24 -0.98
N ILE A 7 0.49 3.32 0.02
CA ILE A 7 -0.12 4.58 0.41
C ILE A 7 0.35 5.02 1.78
N PRO A 8 0.33 6.34 2.03
CA PRO A 8 0.75 6.93 3.31
C PRO A 8 -0.21 6.60 4.44
N GLY A 9 0.31 6.03 5.52
CA GLY A 9 -0.52 5.68 6.66
C GLY A 9 -0.33 6.62 7.83
N MET A 10 -0.90 6.26 8.97
CA MET A 10 -0.80 7.10 10.17
C MET A 10 0.25 6.52 11.13
N PHE A 11 0.48 5.22 11.04
CA PHE A 11 1.45 4.56 11.90
C PHE A 11 2.61 3.98 11.08
N ARG A 12 2.27 3.42 9.92
CA ARG A 12 3.27 2.82 9.05
C ARG A 12 2.77 2.78 7.60
N ALA A 13 3.68 2.50 6.68
CA ALA A 13 3.34 2.42 5.27
C ALA A 13 2.31 1.32 5.01
N TYR A 14 1.22 1.67 4.34
CA TYR A 14 0.16 0.71 4.04
C TYR A 14 0.17 0.34 2.56
N CYS A 15 0.76 -0.80 2.24
CA CYS A 15 0.83 -1.27 0.86
C CYS A 15 -0.19 -2.36 0.59
N TYR A 16 -0.55 -2.55 -0.67
CA TYR A 16 -1.53 -3.56 -1.05
C TYR A 16 -1.29 -4.03 -2.48
N MET A 17 -2.05 -5.03 -2.91
CA MET A 17 -1.94 -5.57 -4.25
C MET A 17 -3.13 -5.16 -5.12
N ASP A 18 -2.96 -4.07 -5.86
CA ASP A 18 -4.02 -3.56 -6.73
C ASP A 18 -4.17 -4.44 -7.96
N GLY A 1 -4.71 -5.67 -7.79
CA GLY A 1 -4.67 -6.74 -8.76
C GLY A 1 -3.27 -7.27 -8.97
N ARG A 2 -2.75 -7.13 -10.19
CA ARG A 2 -1.42 -7.60 -10.51
C ARG A 2 -0.39 -6.47 -10.38
N TYR A 3 -0.43 -5.78 -9.26
CA TYR A 3 0.50 -4.67 -9.01
C TYR A 3 0.57 -4.34 -7.52
N ARG A 4 1.73 -3.89 -7.08
CA ARG A 4 1.93 -3.53 -5.68
C ARG A 4 1.89 -2.02 -5.49
N ARG A 5 1.01 -1.57 -4.60
CA ARG A 5 0.86 -0.14 -4.32
C ARG A 5 1.21 0.17 -2.87
N CYS A 6 1.57 1.42 -2.61
CA CYS A 6 1.93 1.85 -1.27
C CYS A 6 1.37 3.25 -0.97
N ILE A 7 0.49 3.32 0.02
CA ILE A 7 -0.11 4.60 0.41
C ILE A 7 0.36 5.03 1.79
N PRO A 8 0.33 6.35 2.03
CA PRO A 8 0.75 6.93 3.31
C PRO A 8 -0.22 6.60 4.44
N GLY A 9 0.31 6.04 5.51
CA GLY A 9 -0.53 5.68 6.65
C GLY A 9 -0.34 6.62 7.83
N MET A 10 -0.90 6.25 8.98
CA MET A 10 -0.79 7.08 10.17
C MET A 10 0.26 6.51 11.13
N PHE A 11 0.49 5.20 11.03
CA PHE A 11 1.47 4.54 11.89
C PHE A 11 2.61 3.97 11.06
N ARG A 12 2.28 3.41 9.90
CA ARG A 12 3.27 2.81 9.02
C ARG A 12 2.77 2.77 7.58
N ALA A 13 3.68 2.49 6.65
CA ALA A 13 3.32 2.42 5.24
C ALA A 13 2.30 1.32 4.98
N TYR A 14 1.20 1.68 4.34
CA TYR A 14 0.15 0.72 4.04
C TYR A 14 0.15 0.35 2.56
N CYS A 15 0.75 -0.79 2.25
CA CYS A 15 0.82 -1.26 0.86
C CYS A 15 -0.20 -2.36 0.60
N TYR A 16 -0.56 -2.54 -0.67
CA TYR A 16 -1.54 -3.55 -1.05
C TYR A 16 -1.30 -4.02 -2.48
N MET A 17 -2.06 -5.03 -2.90
CA MET A 17 -1.94 -5.57 -4.25
C MET A 17 -3.12 -5.15 -5.11
N ASP A 18 -2.96 -4.07 -5.86
CA ASP A 18 -4.02 -3.56 -6.73
C ASP A 18 -4.16 -4.44 -7.97
N GLY A 1 -4.71 -5.65 -7.80
CA GLY A 1 -4.67 -6.72 -8.77
C GLY A 1 -3.27 -7.26 -8.97
N ARG A 2 -2.75 -7.11 -10.19
CA ARG A 2 -1.41 -7.60 -10.51
C ARG A 2 -0.39 -6.47 -10.38
N TYR A 3 -0.42 -5.77 -9.27
CA TYR A 3 0.50 -4.67 -9.02
C TYR A 3 0.58 -4.34 -7.53
N ARG A 4 1.75 -3.88 -7.09
CA ARG A 4 1.95 -3.52 -5.69
C ARG A 4 1.87 -2.01 -5.49
N ARG A 5 0.98 -1.58 -4.60
CA ARG A 5 0.81 -0.16 -4.32
C ARG A 5 1.17 0.16 -2.88
N CYS A 6 1.53 1.41 -2.63
CA CYS A 6 1.90 1.84 -1.29
C CYS A 6 1.34 3.24 -0.99
N ILE A 7 0.48 3.31 0.02
CA ILE A 7 -0.13 4.58 0.41
C ILE A 7 0.35 5.02 1.78
N PRO A 8 0.33 6.34 2.03
CA PRO A 8 0.75 6.92 3.30
C PRO A 8 -0.21 6.60 4.44
N GLY A 9 0.32 6.03 5.52
CA GLY A 9 -0.49 5.68 6.65
C GLY A 9 -0.31 6.62 7.82
N MET A 10 -0.90 6.28 8.97
CA MET A 10 -0.79 7.10 10.16
C MET A 10 0.25 6.54 11.13
N PHE A 11 0.49 5.25 11.04
CA PHE A 11 1.46 4.58 11.91
C PHE A 11 2.60 4.00 11.08
N ARG A 12 2.27 3.42 9.94
CA ARG A 12 3.26 2.81 9.06
C ARG A 12 2.77 2.78 7.62
N ALA A 13 3.68 2.48 6.69
CA ALA A 13 3.33 2.41 5.28
C ALA A 13 2.31 1.30 5.03
N TYR A 14 1.22 1.66 4.34
CA TYR A 14 0.16 0.71 4.04
C TYR A 14 0.16 0.34 2.55
N CYS A 15 0.76 -0.81 2.23
CA CYS A 15 0.83 -1.27 0.85
C CYS A 15 -0.19 -2.37 0.59
N TYR A 16 -0.56 -2.56 -0.67
CA TYR A 16 -1.52 -3.57 -1.06
C TYR A 16 -1.30 -4.04 -2.49
N MET A 17 -2.05 -5.04 -2.91
CA MET A 17 -1.93 -5.58 -4.25
C MET A 17 -3.12 -5.15 -5.12
N ASP A 18 -2.95 -4.07 -5.86
CA ASP A 18 -4.00 -3.56 -6.72
C ASP A 18 -4.15 -4.43 -7.96
N GLY A 1 -4.71 -5.65 -7.80
CA GLY A 1 -4.67 -6.72 -8.77
C GLY A 1 -3.28 -7.26 -8.97
N ARG A 2 -2.75 -7.11 -10.19
CA ARG A 2 -1.41 -7.59 -10.50
C ARG A 2 -0.39 -6.48 -10.38
N TYR A 3 -0.42 -5.77 -9.25
CA TYR A 3 0.50 -4.67 -9.01
C TYR A 3 0.58 -4.34 -7.53
N ARG A 4 1.75 -3.88 -7.09
CA ARG A 4 1.95 -3.52 -5.69
C ARG A 4 1.88 -2.02 -5.49
N ARG A 5 0.98 -1.58 -4.60
CA ARG A 5 0.81 -0.16 -4.32
C ARG A 5 1.18 0.16 -2.88
N CYS A 6 1.53 1.41 -2.62
CA CYS A 6 1.91 1.84 -1.29
C CYS A 6 1.35 3.24 -0.99
N ILE A 7 0.49 3.32 0.02
CA ILE A 7 -0.12 4.59 0.40
C ILE A 7 0.35 5.02 1.78
N PRO A 8 0.33 6.34 2.03
CA PRO A 8 0.75 6.93 3.31
C PRO A 8 -0.21 6.60 4.44
N GLY A 9 0.32 6.02 5.51
CA GLY A 9 -0.50 5.67 6.65
C GLY A 9 -0.32 6.62 7.82
N MET A 10 -0.90 6.26 8.97
CA MET A 10 -0.80 7.09 10.16
C MET A 10 0.25 6.53 11.12
N PHE A 11 0.49 5.22 11.03
CA PHE A 11 1.46 4.56 11.90
C PHE A 11 2.61 3.98 11.08
N ARG A 12 2.28 3.41 9.92
CA ARG A 12 3.27 2.81 9.04
C ARG A 12 2.77 2.77 7.59
N ALA A 13 3.68 2.48 6.67
CA ALA A 13 3.34 2.41 5.26
C ALA A 13 2.31 1.31 5.00
N TYR A 14 1.22 1.67 4.34
CA TYR A 14 0.16 0.71 4.04
C TYR A 14 0.16 0.35 2.56
N CYS A 15 0.75 -0.80 2.24
CA CYS A 15 0.83 -1.26 0.86
C CYS A 15 -0.20 -2.36 0.60
N TYR A 16 -0.56 -2.55 -0.66
CA TYR A 16 -1.53 -3.57 -1.04
C TYR A 16 -1.29 -4.03 -2.48
N MET A 17 -2.05 -5.04 -2.91
CA MET A 17 -1.94 -5.58 -4.26
C MET A 17 -3.12 -5.15 -5.11
N ASP A 18 -2.95 -4.06 -5.85
CA ASP A 18 -4.00 -3.56 -6.72
C ASP A 18 -4.15 -4.43 -7.96
N GLY A 1 -4.71 -5.64 -7.79
CA GLY A 1 -4.67 -6.72 -8.77
C GLY A 1 -3.27 -7.26 -8.97
N ARG A 2 -2.75 -7.11 -10.19
CA ARG A 2 -1.41 -7.59 -10.50
C ARG A 2 -0.39 -6.48 -10.38
N TYR A 3 -0.42 -5.77 -9.25
CA TYR A 3 0.52 -4.67 -9.01
C TYR A 3 0.58 -4.34 -7.52
N ARG A 4 1.75 -3.88 -7.09
CA ARG A 4 1.95 -3.53 -5.68
C ARG A 4 1.88 -2.02 -5.49
N ARG A 5 0.99 -1.58 -4.60
CA ARG A 5 0.81 -0.16 -4.32
C ARG A 5 1.18 0.16 -2.86
N CYS A 6 1.54 1.41 -2.62
CA CYS A 6 1.91 1.85 -1.28
C CYS A 6 1.35 3.23 -0.98
N ILE A 7 0.49 3.32 0.02
CA ILE A 7 -0.12 4.59 0.40
C ILE A 7 0.35 5.02 1.78
N PRO A 8 0.33 6.34 2.03
CA PRO A 8 0.75 6.93 3.31
C PRO A 8 -0.22 6.60 4.44
N GLY A 9 0.31 6.03 5.52
CA GLY A 9 -0.52 5.68 6.66
C GLY A 9 -0.33 6.62 7.83
N MET A 10 -0.89 6.26 8.96
CA MET A 10 -0.78 7.08 10.16
C MET A 10 0.27 6.52 11.13
N PHE A 11 0.50 5.22 11.04
CA PHE A 11 1.47 4.56 11.89
C PHE A 11 2.61 3.97 11.07
N ARG A 12 2.27 3.40 9.92
CA ARG A 12 3.27 2.81 9.03
C ARG A 12 2.77 2.77 7.59
N ALA A 13 3.67 2.48 6.66
CA ALA A 13 3.33 2.42 5.26
C ALA A 13 2.31 1.32 4.99
N TYR A 14 1.20 1.68 4.34
CA TYR A 14 0.15 0.72 4.04
C TYR A 14 0.15 0.35 2.56
N CYS A 15 0.75 -0.80 2.24
CA CYS A 15 0.82 -1.26 0.86
C CYS A 15 -0.20 -2.36 0.60
N TYR A 16 -0.56 -2.55 -0.66
CA TYR A 16 -1.53 -3.56 -1.05
C TYR A 16 -1.29 -4.03 -2.48
N MET A 17 -2.06 -5.04 -2.90
CA MET A 17 -1.94 -5.57 -4.25
C MET A 17 -3.12 -5.15 -5.11
N ASP A 18 -2.95 -4.06 -5.85
CA ASP A 18 -4.00 -3.55 -6.73
C ASP A 18 -4.14 -4.43 -7.97
N GLY A 1 -4.71 -5.65 -7.80
CA GLY A 1 -4.67 -6.72 -8.77
C GLY A 1 -3.27 -7.26 -8.97
N ARG A 2 -2.74 -7.11 -10.19
CA ARG A 2 -1.41 -7.59 -10.51
C ARG A 2 -0.38 -6.47 -10.38
N TYR A 3 -0.41 -5.78 -9.25
CA TYR A 3 0.52 -4.67 -9.01
C TYR A 3 0.58 -4.34 -7.51
N ARG A 4 1.76 -3.88 -7.07
CA ARG A 4 1.96 -3.52 -5.68
C ARG A 4 1.88 -2.02 -5.48
N ARG A 5 0.99 -1.58 -4.60
CA ARG A 5 0.81 -0.16 -4.32
C ARG A 5 1.18 0.16 -2.86
N CYS A 6 1.54 1.41 -2.62
CA CYS A 6 1.90 1.85 -1.28
C CYS A 6 1.35 3.23 -0.98
N ILE A 7 0.49 3.32 0.02
CA ILE A 7 -0.12 4.59 0.40
C ILE A 7 0.35 5.02 1.78
N PRO A 8 0.33 6.34 2.03
CA PRO A 8 0.75 6.93 3.31
C PRO A 8 -0.22 6.60 4.44
N GLY A 9 0.31 6.03 5.52
CA GLY A 9 -0.52 5.68 6.65
C GLY A 9 -0.34 6.63 7.82
N MET A 10 -0.89 6.26 8.97
CA MET A 10 -0.78 7.08 10.17
C MET A 10 0.27 6.52 11.13
N PHE A 11 0.50 5.21 11.03
CA PHE A 11 1.48 4.55 11.89
C PHE A 11 2.62 3.98 11.06
N ARG A 12 2.28 3.40 9.91
CA ARG A 12 3.27 2.80 9.02
C ARG A 12 2.77 2.76 7.59
N ALA A 13 3.67 2.48 6.66
CA ALA A 13 3.33 2.42 5.24
C ALA A 13 2.30 1.31 4.98
N TYR A 14 1.20 1.68 4.34
CA TYR A 14 0.14 0.73 4.04
C TYR A 14 0.15 0.35 2.56
N CYS A 15 0.73 -0.79 2.24
CA CYS A 15 0.82 -1.26 0.86
C CYS A 15 -0.21 -2.36 0.60
N TYR A 16 -0.56 -2.54 -0.67
CA TYR A 16 -1.53 -3.56 -1.05
C TYR A 16 -1.30 -4.03 -2.48
N MET A 17 -2.06 -5.03 -2.90
CA MET A 17 -1.93 -5.57 -4.25
C MET A 17 -3.12 -5.15 -5.11
N ASP A 18 -2.95 -4.06 -5.85
CA ASP A 18 -4.00 -3.56 -6.73
C ASP A 18 -4.15 -4.43 -7.96
N GLY A 1 -4.70 -5.64 -7.80
CA GLY A 1 -4.67 -6.71 -8.76
C GLY A 1 -3.27 -7.27 -8.96
N ARG A 2 -2.74 -7.11 -10.17
CA ARG A 2 -1.41 -7.60 -10.50
C ARG A 2 -0.38 -6.48 -10.37
N TYR A 3 -0.41 -5.78 -9.25
CA TYR A 3 0.52 -4.68 -9.00
C TYR A 3 0.58 -4.34 -7.52
N ARG A 4 1.76 -3.88 -7.07
CA ARG A 4 1.96 -3.53 -5.67
C ARG A 4 1.88 -2.02 -5.48
N ARG A 5 0.99 -1.58 -4.58
CA ARG A 5 0.82 -0.16 -4.32
C ARG A 5 1.18 0.16 -2.87
N CYS A 6 1.55 1.42 -2.62
CA CYS A 6 1.92 1.84 -1.28
C CYS A 6 1.35 3.23 -0.98
N ILE A 7 0.49 3.32 0.02
CA ILE A 7 -0.11 4.59 0.40
C ILE A 7 0.35 5.02 1.78
N PRO A 8 0.33 6.34 2.03
CA PRO A 8 0.75 6.93 3.31
C PRO A 8 -0.23 6.60 4.44
N GLY A 9 0.30 6.04 5.52
CA GLY A 9 -0.53 5.68 6.65
C GLY A 9 -0.34 6.63 7.82
N MET A 10 -0.90 6.25 8.98
CA MET A 10 -0.79 7.08 10.17
C MET A 10 0.26 6.51 11.13
N PHE A 11 0.50 5.20 11.03
CA PHE A 11 1.48 4.54 11.88
C PHE A 11 2.62 3.96 11.05
N ARG A 12 2.28 3.39 9.90
CA ARG A 12 3.28 2.80 9.01
C ARG A 12 2.77 2.76 7.57
N ALA A 13 3.68 2.49 6.63
CA ALA A 13 3.33 2.42 5.23
C ALA A 13 2.31 1.32 4.96
N TYR A 14 1.19 1.68 4.34
CA TYR A 14 0.13 0.73 4.04
C TYR A 14 0.15 0.35 2.56
N CYS A 15 0.74 -0.79 2.24
CA CYS A 15 0.82 -1.26 0.87
C CYS A 15 -0.21 -2.36 0.61
N TYR A 16 -0.57 -2.54 -0.66
CA TYR A 16 -1.53 -3.56 -1.04
C TYR A 16 -1.30 -4.03 -2.47
N MET A 17 -2.06 -5.03 -2.90
CA MET A 17 -1.94 -5.57 -4.25
C MET A 17 -3.12 -5.15 -5.11
N ASP A 18 -2.95 -4.06 -5.85
CA ASP A 18 -4.00 -3.54 -6.73
C ASP A 18 -4.14 -4.43 -7.97
N GLY A 1 -4.71 -5.67 -7.78
CA GLY A 1 -4.68 -6.75 -8.77
C GLY A 1 -3.27 -7.28 -8.98
N ARG A 2 -2.75 -7.12 -10.19
CA ARG A 2 -1.42 -7.58 -10.53
C ARG A 2 -0.39 -6.46 -10.39
N TYR A 3 -0.42 -5.77 -9.27
CA TYR A 3 0.49 -4.66 -9.03
C TYR A 3 0.56 -4.33 -7.53
N ARG A 4 1.72 -3.87 -7.09
CA ARG A 4 1.93 -3.52 -5.69
C ARG A 4 1.88 -2.01 -5.50
N ARG A 5 1.00 -1.56 -4.61
CA ARG A 5 0.85 -0.14 -4.33
C ARG A 5 1.20 0.17 -2.88
N CYS A 6 1.56 1.43 -2.61
CA CYS A 6 1.92 1.85 -1.27
C CYS A 6 1.35 3.24 -0.98
N ILE A 7 0.48 3.32 0.03
CA ILE A 7 -0.13 4.58 0.41
C ILE A 7 0.36 5.03 1.79
N PRO A 8 0.32 6.35 2.02
CA PRO A 8 0.76 6.93 3.30
C PRO A 8 -0.20 6.61 4.45
N GLY A 9 0.34 6.04 5.52
CA GLY A 9 -0.48 5.69 6.66
C GLY A 9 -0.27 6.62 7.83
N MET A 10 -0.89 6.29 8.96
CA MET A 10 -0.77 7.12 10.17
C MET A 10 0.25 6.53 11.12
N PHE A 11 0.46 5.22 11.03
CA PHE A 11 1.42 4.53 11.90
C PHE A 11 2.57 3.95 11.08
N ARG A 12 2.25 3.41 9.91
CA ARG A 12 3.25 2.82 9.04
C ARG A 12 2.76 2.77 7.59
N ALA A 13 3.68 2.50 6.68
CA ALA A 13 3.33 2.42 5.26
C ALA A 13 2.32 1.31 5.00
N TYR A 14 1.22 1.66 4.34
CA TYR A 14 0.16 0.70 4.04
C TYR A 14 0.17 0.34 2.56
N CYS A 15 0.76 -0.80 2.24
CA CYS A 15 0.83 -1.27 0.86
C CYS A 15 -0.19 -2.37 0.60
N TYR A 16 -0.54 -2.55 -0.66
CA TYR A 16 -1.52 -3.57 -1.05
C TYR A 16 -1.29 -4.03 -2.49
N MET A 17 -2.05 -5.03 -2.90
CA MET A 17 -1.92 -5.57 -4.25
C MET A 17 -3.12 -5.16 -5.11
N ASP A 18 -2.96 -4.07 -5.86
CA ASP A 18 -4.02 -3.57 -6.72
C ASP A 18 -4.17 -4.45 -7.97
N GLY A 1 -4.66 -5.62 -7.83
CA GLY A 1 -4.64 -6.63 -8.87
C GLY A 1 -3.26 -7.23 -9.08
N ARG A 2 -2.70 -7.01 -10.26
CA ARG A 2 -1.38 -7.53 -10.59
C ARG A 2 -0.31 -6.46 -10.40
N TYR A 3 -0.38 -5.75 -9.28
CA TYR A 3 0.58 -4.69 -8.98
C TYR A 3 0.58 -4.36 -7.49
N ARG A 4 1.73 -3.95 -6.98
CA ARG A 4 1.87 -3.60 -5.57
C ARG A 4 1.87 -2.09 -5.38
N ARG A 5 0.91 -1.60 -4.60
CA ARG A 5 0.79 -0.17 -4.34
C ARG A 5 1.16 0.14 -2.89
N CYS A 6 1.51 1.40 -2.64
CA CYS A 6 1.88 1.84 -1.29
C CYS A 6 1.31 3.22 -0.99
N ILE A 7 0.44 3.30 0.01
CA ILE A 7 -0.18 4.55 0.41
C ILE A 7 0.31 5.01 1.78
N PRO A 8 0.28 6.32 2.02
CA PRO A 8 0.71 6.91 3.29
C PRO A 8 -0.24 6.57 4.44
N GLY A 9 0.31 6.01 5.51
CA GLY A 9 -0.49 5.65 6.66
C GLY A 9 -0.32 6.61 7.82
N MET A 10 -0.89 6.26 8.96
CA MET A 10 -0.79 7.10 10.16
C MET A 10 0.27 6.58 11.11
N PHE A 11 0.52 5.27 11.04
CA PHE A 11 1.51 4.63 11.90
C PHE A 11 2.66 4.06 11.07
N ARG A 12 2.31 3.46 9.94
CA ARG A 12 3.32 2.86 9.05
C ARG A 12 2.80 2.80 7.62
N ALA A 13 3.70 2.51 6.69
CA ALA A 13 3.34 2.41 5.27
C ALA A 13 2.32 1.31 5.05
N TYR A 14 1.25 1.64 4.32
CA TYR A 14 0.20 0.68 4.03
C TYR A 14 0.19 0.31 2.55
N CYS A 15 0.77 -0.83 2.22
CA CYS A 15 0.84 -1.29 0.84
C CYS A 15 -0.20 -2.40 0.59
N TYR A 16 -0.56 -2.57 -0.67
CA TYR A 16 -1.54 -3.59 -1.05
C TYR A 16 -1.32 -4.06 -2.48
N MET A 17 -2.08 -5.06 -2.89
CA MET A 17 -1.98 -5.59 -4.25
C MET A 17 -3.16 -5.15 -5.10
N ASP A 18 -2.97 -4.07 -5.84
CA ASP A 18 -4.02 -3.54 -6.70
C ASP A 18 -4.16 -4.37 -7.97
N GLY A 1 -4.71 -5.64 -7.80
CA GLY A 1 -4.67 -6.72 -8.77
C GLY A 1 -3.28 -7.27 -8.98
N ARG A 2 -2.74 -7.10 -10.18
CA ARG A 2 -1.41 -7.59 -10.51
C ARG A 2 -0.38 -6.47 -10.38
N TYR A 3 -0.42 -5.77 -9.25
CA TYR A 3 0.51 -4.66 -9.01
C TYR A 3 0.58 -4.34 -7.53
N ARG A 4 1.76 -3.88 -7.07
CA ARG A 4 1.95 -3.53 -5.68
C ARG A 4 1.87 -2.01 -5.48
N ARG A 5 0.99 -1.58 -4.60
CA ARG A 5 0.81 -0.16 -4.32
C ARG A 5 1.17 0.16 -2.87
N CYS A 6 1.53 1.41 -2.62
CA CYS A 6 1.91 1.85 -1.28
C CYS A 6 1.35 3.23 -0.98
N ILE A 7 0.49 3.32 0.02
CA ILE A 7 -0.12 4.59 0.40
C ILE A 7 0.35 5.02 1.78
N PRO A 8 0.33 6.34 2.03
CA PRO A 8 0.75 6.93 3.31
C PRO A 8 -0.22 6.60 4.44
N GLY A 9 0.32 6.03 5.52
CA GLY A 9 -0.52 5.68 6.66
C GLY A 9 -0.33 6.62 7.83
N MET A 10 -0.89 6.26 8.96
CA MET A 10 -0.78 7.08 10.16
C MET A 10 0.27 6.52 11.13
N PHE A 11 0.49 5.21 11.03
CA PHE A 11 1.46 4.55 11.89
C PHE A 11 2.61 3.97 11.07
N ARG A 12 2.27 3.40 9.92
CA ARG A 12 3.27 2.81 9.03
C ARG A 12 2.77 2.77 7.59
N ALA A 13 3.67 2.48 6.66
CA ALA A 13 3.33 2.42 5.26
C ALA A 13 2.31 1.32 4.99
N TYR A 14 1.20 1.68 4.34
CA TYR A 14 0.15 0.72 4.04
C TYR A 14 0.16 0.36 2.55
N CYS A 15 0.75 -0.80 2.24
CA CYS A 15 0.82 -1.26 0.86
C CYS A 15 -0.20 -2.36 0.60
N TYR A 16 -0.56 -2.54 -0.67
CA TYR A 16 -1.53 -3.56 -1.05
C TYR A 16 -1.29 -4.03 -2.48
N MET A 17 -2.06 -5.03 -2.90
CA MET A 17 -1.93 -5.57 -4.25
C MET A 17 -3.12 -5.15 -5.11
N ASP A 18 -2.95 -4.06 -5.85
CA ASP A 18 -4.00 -3.56 -6.72
C ASP A 18 -4.15 -4.43 -7.96
N GLY A 1 -4.67 -5.45 -7.81
CA GLY A 1 -4.70 -6.42 -8.90
C GLY A 1 -3.35 -7.10 -9.10
N ARG A 2 -2.73 -6.86 -10.24
CA ARG A 2 -1.45 -7.45 -10.56
C ARG A 2 -0.32 -6.45 -10.34
N TYR A 3 -0.37 -5.72 -9.22
CA TYR A 3 0.64 -4.73 -8.90
C TYR A 3 0.61 -4.39 -7.41
N ARG A 4 1.77 -4.04 -6.88
CA ARG A 4 1.89 -3.69 -5.47
C ARG A 4 1.94 -2.18 -5.28
N ARG A 5 0.93 -1.64 -4.60
CA ARG A 5 0.85 -0.21 -4.35
C ARG A 5 1.21 0.12 -2.90
N CYS A 6 1.52 1.38 -2.64
CA CYS A 6 1.88 1.81 -1.30
C CYS A 6 1.28 3.19 -0.99
N ILE A 7 0.41 3.25 0.00
CA ILE A 7 -0.23 4.49 0.39
C ILE A 7 0.26 4.96 1.76
N PRO A 8 0.19 6.28 1.99
CA PRO A 8 0.62 6.88 3.26
C PRO A 8 -0.32 6.53 4.41
N GLY A 9 0.24 5.98 5.49
CA GLY A 9 -0.56 5.61 6.64
C GLY A 9 -0.40 6.58 7.80
N MET A 10 -0.94 6.22 8.95
CA MET A 10 -0.85 7.05 10.13
C MET A 10 0.23 6.55 11.09
N PHE A 11 0.53 5.26 11.00
CA PHE A 11 1.54 4.66 11.86
C PHE A 11 2.69 4.10 11.02
N ARG A 12 2.36 3.49 9.88
CA ARG A 12 3.36 2.92 9.00
C ARG A 12 2.83 2.83 7.56
N ALA A 13 3.73 2.57 6.62
CA ALA A 13 3.36 2.46 5.22
C ALA A 13 2.35 1.33 5.01
N TYR A 14 1.28 1.62 4.29
CA TYR A 14 0.24 0.63 4.02
C TYR A 14 0.22 0.26 2.54
N CYS A 15 0.83 -0.86 2.20
CA CYS A 15 0.89 -1.33 0.82
C CYS A 15 -0.14 -2.45 0.59
N TYR A 16 -0.53 -2.62 -0.66
CA TYR A 16 -1.50 -3.65 -1.02
C TYR A 16 -1.32 -4.09 -2.48
N MET A 17 -2.07 -5.11 -2.87
CA MET A 17 -2.00 -5.62 -4.24
C MET A 17 -3.16 -5.12 -5.08
N ASP A 18 -2.95 -4.01 -5.78
CA ASP A 18 -3.98 -3.41 -6.62
C ASP A 18 -4.14 -4.20 -7.92
N GLY A 1 -4.68 -5.39 -7.80
CA GLY A 1 -4.71 -6.34 -8.89
C GLY A 1 -3.39 -7.05 -9.09
N ARG A 2 -2.75 -6.81 -10.23
CA ARG A 2 -1.48 -7.43 -10.55
C ARG A 2 -0.33 -6.46 -10.32
N TYR A 3 -0.39 -5.72 -9.21
CA TYR A 3 0.65 -4.74 -8.89
C TYR A 3 0.63 -4.40 -7.41
N ARG A 4 1.79 -4.07 -6.86
CA ARG A 4 1.91 -3.72 -5.45
C ARG A 4 1.97 -2.21 -5.27
N ARG A 5 0.97 -1.66 -4.59
CA ARG A 5 0.90 -0.22 -4.35
C ARG A 5 1.23 0.10 -2.90
N CYS A 6 1.55 1.37 -2.64
CA CYS A 6 1.88 1.81 -1.29
C CYS A 6 1.29 3.17 -0.99
N ILE A 7 0.40 3.22 0.00
CA ILE A 7 -0.25 4.47 0.38
C ILE A 7 0.23 4.95 1.75
N PRO A 8 0.16 6.26 1.98
CA PRO A 8 0.58 6.87 3.25
C PRO A 8 -0.36 6.52 4.39
N GLY A 9 0.20 5.98 5.47
CA GLY A 9 -0.60 5.61 6.63
C GLY A 9 -0.44 6.57 7.78
N MET A 10 -0.95 6.19 8.95
CA MET A 10 -0.86 7.03 10.13
C MET A 10 0.24 6.54 11.07
N PHE A 11 0.53 5.24 11.00
CA PHE A 11 1.55 4.64 11.84
C PHE A 11 2.71 4.10 11.00
N ARG A 12 2.36 3.50 9.86
CA ARG A 12 3.37 2.94 8.96
C ARG A 12 2.84 2.85 7.54
N ALA A 13 3.73 2.60 6.59
CA ALA A 13 3.35 2.48 5.19
C ALA A 13 2.36 1.34 4.98
N TYR A 14 1.27 1.63 4.28
CA TYR A 14 0.24 0.62 4.01
C TYR A 14 0.23 0.25 2.54
N CYS A 15 0.85 -0.88 2.21
CA CYS A 15 0.90 -1.34 0.83
C CYS A 15 -0.11 -2.47 0.59
N TYR A 16 -0.52 -2.64 -0.66
CA TYR A 16 -1.48 -3.67 -1.01
C TYR A 16 -1.31 -4.10 -2.46
N MET A 17 -2.07 -5.11 -2.87
CA MET A 17 -2.00 -5.63 -4.23
C MET A 17 -3.16 -5.10 -5.06
N ASP A 18 -2.93 -3.98 -5.75
CA ASP A 18 -3.96 -3.37 -6.59
C ASP A 18 -4.13 -4.15 -7.90
N GLY A 1 -4.70 -5.65 -7.81
CA GLY A 1 -4.65 -6.73 -8.77
C GLY A 1 -3.25 -7.28 -8.97
N ARG A 2 -2.72 -7.13 -10.18
CA ARG A 2 -1.38 -7.61 -10.50
C ARG A 2 -0.35 -6.49 -10.37
N TYR A 3 -0.40 -5.79 -9.24
CA TYR A 3 0.53 -4.69 -9.00
C TYR A 3 0.60 -4.35 -7.52
N ARG A 4 1.76 -3.89 -7.07
CA ARG A 4 1.96 -3.53 -5.67
C ARG A 4 1.88 -2.02 -5.48
N ARG A 5 0.99 -1.58 -4.60
CA ARG A 5 0.81 -0.16 -4.32
C ARG A 5 1.17 0.16 -2.87
N CYS A 6 1.53 1.42 -2.63
CA CYS A 6 1.90 1.85 -1.28
C CYS A 6 1.33 3.25 -1.00
N ILE A 7 0.46 3.33 0.00
CA ILE A 7 -0.15 4.60 0.38
C ILE A 7 0.32 5.05 1.76
N PRO A 8 0.29 6.37 1.99
CA PRO A 8 0.72 6.96 3.26
C PRO A 8 -0.24 6.64 4.40
N GLY A 9 0.28 6.08 5.49
CA GLY A 9 -0.55 5.73 6.62
C GLY A 9 -0.33 6.66 7.80
N MET A 10 -0.82 6.25 8.97
CA MET A 10 -0.68 7.05 10.18
C MET A 10 0.40 6.49 11.10
N PHE A 11 0.52 5.16 11.11
CA PHE A 11 1.50 4.50 11.95
C PHE A 11 2.64 3.93 11.10
N ARG A 12 2.28 3.35 9.96
CA ARG A 12 3.28 2.77 9.06
C ARG A 12 2.76 2.75 7.62
N ALA A 13 3.66 2.48 6.68
CA ALA A 13 3.29 2.43 5.27
C ALA A 13 2.26 1.33 5.02
N TYR A 14 1.18 1.69 4.34
CA TYR A 14 0.12 0.74 4.03
C TYR A 14 0.13 0.37 2.56
N CYS A 15 0.71 -0.78 2.24
CA CYS A 15 0.79 -1.25 0.86
C CYS A 15 -0.23 -2.35 0.60
N TYR A 16 -0.58 -2.54 -0.67
CA TYR A 16 -1.55 -3.56 -1.05
C TYR A 16 -1.31 -4.03 -2.49
N MET A 17 -2.06 -5.03 -2.90
CA MET A 17 -1.94 -5.57 -4.25
C MET A 17 -3.12 -5.15 -5.12
N ASP A 18 -2.94 -4.07 -5.87
CA ASP A 18 -3.99 -3.56 -6.74
C ASP A 18 -4.14 -4.44 -7.99
N GLY A 1 -4.69 -5.51 -7.81
CA GLY A 1 -4.70 -6.49 -8.89
C GLY A 1 -3.36 -7.15 -9.08
N ARG A 2 -2.75 -6.92 -10.24
CA ARG A 2 -1.45 -7.51 -10.55
C ARG A 2 -0.34 -6.50 -10.35
N TYR A 3 -0.41 -5.76 -9.25
CA TYR A 3 0.59 -4.75 -8.94
C TYR A 3 0.57 -4.39 -7.45
N ARG A 4 1.73 -4.04 -6.91
CA ARG A 4 1.85 -3.68 -5.50
C ARG A 4 1.93 -2.16 -5.33
N ARG A 5 0.99 -1.61 -4.59
CA ARG A 5 0.95 -0.17 -4.35
C ARG A 5 1.28 0.15 -2.89
N CYS A 6 1.60 1.40 -2.63
CA CYS A 6 1.93 1.83 -1.27
C CYS A 6 1.34 3.21 -0.97
N ILE A 7 0.46 3.26 0.02
CA ILE A 7 -0.19 4.52 0.40
C ILE A 7 0.28 4.98 1.77
N PRO A 8 0.22 6.29 2.01
CA PRO A 8 0.62 6.89 3.28
C PRO A 8 -0.33 6.54 4.42
N GLY A 9 0.23 5.99 5.51
CA GLY A 9 -0.60 5.62 6.64
C GLY A 9 -0.44 6.58 7.80
N MET A 10 -0.96 6.19 8.96
CA MET A 10 -0.88 7.03 10.15
C MET A 10 0.21 6.53 11.10
N PHE A 11 0.51 5.24 11.02
CA PHE A 11 1.52 4.63 11.86
C PHE A 11 2.67 4.09 11.02
N ARG A 12 2.34 3.49 9.89
CA ARG A 12 3.35 2.93 9.00
C ARG A 12 2.83 2.84 7.56
N ALA A 13 3.73 2.59 6.63
CA ALA A 13 3.35 2.47 5.22
C ALA A 13 2.36 1.35 5.00
N TYR A 14 1.27 1.64 4.30
CA TYR A 14 0.24 0.66 4.02
C TYR A 14 0.23 0.29 2.54
N CYS A 15 0.85 -0.84 2.21
CA CYS A 15 0.90 -1.32 0.83
C CYS A 15 -0.12 -2.42 0.59
N TYR A 16 -0.51 -2.59 -0.67
CA TYR A 16 -1.49 -3.61 -1.04
C TYR A 16 -1.30 -4.05 -2.48
N MET A 17 -2.07 -5.06 -2.90
CA MET A 17 -1.97 -5.57 -4.26
C MET A 17 -3.17 -5.11 -5.09
N ASP A 18 -2.99 -4.00 -5.81
CA ASP A 18 -4.04 -3.45 -6.64
C ASP A 18 -4.20 -4.26 -7.94
N GLY A 1 -4.70 -5.36 -7.80
CA GLY A 1 -4.75 -6.31 -8.89
C GLY A 1 -3.42 -7.01 -9.10
N ARG A 2 -2.80 -6.78 -10.26
CA ARG A 2 -1.53 -7.40 -10.58
C ARG A 2 -0.38 -6.42 -10.37
N TYR A 3 -0.42 -5.70 -9.26
CA TYR A 3 0.62 -4.72 -8.94
C TYR A 3 0.61 -4.38 -7.45
N ARG A 4 1.79 -4.06 -6.92
CA ARG A 4 1.93 -3.71 -5.52
C ARG A 4 1.97 -2.20 -5.33
N ARG A 5 0.98 -1.66 -4.63
CA ARG A 5 0.92 -0.22 -4.38
C ARG A 5 1.24 0.09 -2.92
N CYS A 6 1.55 1.35 -2.65
CA CYS A 6 1.88 1.78 -1.29
C CYS A 6 1.26 3.15 -0.99
N ILE A 7 0.38 3.18 0.01
CA ILE A 7 -0.28 4.41 0.40
C ILE A 7 0.22 4.90 1.76
N PRO A 8 0.12 6.21 1.99
CA PRO A 8 0.55 6.83 3.24
C PRO A 8 -0.36 6.46 4.41
N GLY A 9 0.24 5.93 5.47
CA GLY A 9 -0.53 5.55 6.65
C GLY A 9 -0.42 6.55 7.77
N MET A 10 -0.99 6.22 8.93
CA MET A 10 -0.95 7.10 10.09
C MET A 10 0.16 6.68 11.05
N PHE A 11 0.53 5.40 11.00
CA PHE A 11 1.57 4.87 11.87
C PHE A 11 2.71 4.28 11.05
N ARG A 12 2.36 3.60 9.96
CA ARG A 12 3.36 2.99 9.09
C ARG A 12 2.84 2.87 7.67
N ALA A 13 3.72 2.56 6.74
CA ALA A 13 3.35 2.43 5.33
C ALA A 13 2.34 1.30 5.14
N TYR A 14 1.36 1.53 4.28
CA TYR A 14 0.33 0.54 4.01
C TYR A 14 0.29 0.19 2.52
N CYS A 15 0.91 -0.94 2.17
CA CYS A 15 0.94 -1.40 0.80
C CYS A 15 -0.06 -2.52 0.57
N TYR A 16 -0.48 -2.69 -0.69
CA TYR A 16 -1.45 -3.72 -1.04
C TYR A 16 -1.29 -4.15 -2.49
N MET A 17 -2.05 -5.16 -2.90
CA MET A 17 -1.99 -5.65 -4.27
C MET A 17 -3.16 -5.11 -5.09
N ASP A 18 -2.93 -3.99 -5.76
CA ASP A 18 -3.96 -3.36 -6.58
C ASP A 18 -4.15 -4.13 -7.89
N GLY A 1 -4.67 -5.50 -7.81
CA GLY A 1 -4.69 -6.48 -8.89
C GLY A 1 -3.34 -7.14 -9.09
N ARG A 2 -2.72 -6.90 -10.24
CA ARG A 2 -1.43 -7.48 -10.57
C ARG A 2 -0.31 -6.46 -10.35
N TYR A 3 -0.39 -5.73 -9.24
CA TYR A 3 0.62 -4.72 -8.92
C TYR A 3 0.60 -4.39 -7.43
N ARG A 4 1.76 -4.01 -6.90
CA ARG A 4 1.88 -3.67 -5.49
C ARG A 4 1.92 -2.16 -5.30
N ARG A 5 0.93 -1.63 -4.60
CA ARG A 5 0.85 -0.19 -4.35
C ARG A 5 1.20 0.13 -2.90
N CYS A 6 1.53 1.39 -2.64
CA CYS A 6 1.88 1.82 -1.29
C CYS A 6 1.29 3.20 -0.99
N ILE A 7 0.42 3.26 0.01
CA ILE A 7 -0.22 4.51 0.40
C ILE A 7 0.27 4.97 1.77
N PRO A 8 0.20 6.29 2.00
CA PRO A 8 0.63 6.88 3.27
C PRO A 8 -0.31 6.54 4.42
N GLY A 9 0.26 5.99 5.50
CA GLY A 9 -0.55 5.63 6.65
C GLY A 9 -0.39 6.59 7.80
N MET A 10 -0.93 6.22 8.95
CA MET A 10 -0.85 7.06 10.14
C MET A 10 0.24 6.56 11.09
N PHE A 11 0.52 5.26 11.01
CA PHE A 11 1.54 4.65 11.87
C PHE A 11 2.69 4.09 11.03
N ARG A 12 2.35 3.49 9.90
CA ARG A 12 3.34 2.91 9.02
C ARG A 12 2.82 2.83 7.58
N ALA A 13 3.73 2.55 6.64
CA ALA A 13 3.35 2.44 5.24
C ALA A 13 2.34 1.32 5.02
N TYR A 14 1.28 1.63 4.30
CA TYR A 14 0.23 0.65 4.01
C TYR A 14 0.21 0.28 2.54
N CYS A 15 0.82 -0.86 2.20
CA CYS A 15 0.87 -1.32 0.82
C CYS A 15 -0.14 -2.43 0.58
N TYR A 16 -0.54 -2.61 -0.67
CA TYR A 16 -1.51 -3.64 -1.04
C TYR A 16 -1.31 -4.07 -2.48
N MET A 17 -2.08 -5.09 -2.89
CA MET A 17 -1.99 -5.60 -4.25
C MET A 17 -3.17 -5.12 -5.09
N ASP A 18 -2.95 -4.02 -5.80
CA ASP A 18 -4.01 -3.45 -6.64
C ASP A 18 -4.16 -4.25 -7.93
N GLY A 1 -4.68 -5.45 -7.81
CA GLY A 1 -4.71 -6.41 -8.89
C GLY A 1 -3.37 -7.09 -9.11
N ARG A 2 -2.75 -6.85 -10.25
CA ARG A 2 -1.46 -7.44 -10.57
C ARG A 2 -0.33 -6.43 -10.36
N TYR A 3 -0.40 -5.71 -9.25
CA TYR A 3 0.62 -4.72 -8.93
C TYR A 3 0.61 -4.38 -7.44
N ARG A 4 1.77 -4.03 -6.90
CA ARG A 4 1.90 -3.69 -5.49
C ARG A 4 1.94 -2.17 -5.30
N ARG A 5 0.93 -1.64 -4.61
CA ARG A 5 0.86 -0.21 -4.37
C ARG A 5 1.20 0.11 -2.91
N CYS A 6 1.52 1.37 -2.65
CA CYS A 6 1.87 1.80 -1.30
C CYS A 6 1.27 3.18 -1.00
N ILE A 7 0.40 3.22 0.00
CA ILE A 7 -0.24 4.48 0.40
C ILE A 7 0.24 4.94 1.76
N PRO A 8 0.17 6.26 1.99
CA PRO A 8 0.60 6.86 3.25
C PRO A 8 -0.32 6.50 4.42
N GLY A 9 0.25 5.97 5.48
CA GLY A 9 -0.53 5.59 6.65
C GLY A 9 -0.38 6.57 7.78
N MET A 10 -0.95 6.23 8.94
CA MET A 10 -0.88 7.09 10.11
C MET A 10 0.21 6.61 11.07
N PHE A 11 0.53 5.32 11.01
CA PHE A 11 1.55 4.75 11.88
C PHE A 11 2.70 4.17 11.04
N ARG A 12 2.35 3.53 9.93
CA ARG A 12 3.35 2.94 9.06
C ARG A 12 2.83 2.84 7.63
N ALA A 13 3.73 2.55 6.69
CA ALA A 13 3.35 2.43 5.28
C ALA A 13 2.34 1.31 5.07
N TYR A 14 1.32 1.59 4.29
CA TYR A 14 0.27 0.60 4.01
C TYR A 14 0.25 0.24 2.53
N CYS A 15 0.85 -0.89 2.19
CA CYS A 15 0.90 -1.36 0.81
C CYS A 15 -0.11 -2.47 0.58
N TYR A 16 -0.51 -2.64 -0.68
CA TYR A 16 -1.49 -3.67 -1.04
C TYR A 16 -1.31 -4.11 -2.49
N MET A 17 -2.06 -5.12 -2.90
CA MET A 17 -1.99 -5.63 -4.26
C MET A 17 -3.16 -5.12 -5.09
N ASP A 18 -2.95 -4.00 -5.78
CA ASP A 18 -3.98 -3.41 -6.62
C ASP A 18 -4.15 -4.20 -7.92
#